data_3C8B
#
_entry.id   3C8B
#
_cell.length_a   50.619
_cell.length_b   66.393
_cell.length_c   64.951
_cell.angle_alpha   90.00
_cell.angle_beta   98.47
_cell.angle_gamma   90.00
#
_symmetry.space_group_name_H-M   'P 1 21 1'
#
loop_
_entity.id
_entity.type
_entity.pdbx_description
1 polymer 'Botulinum neurotoxin A light chain'
2 polymer 'Inhibitor peptide RRGI'
3 non-polymer 'ZINC ION'
4 non-polymer 'SULFATE ION'
5 water water
#
loop_
_entity_poly.entity_id
_entity_poly.type
_entity_poly.pdbx_seq_one_letter_code
_entity_poly.pdbx_strand_id
1 'polypeptide(L)'
;MPFVNKQFNYKDPVNGVDIAYIKIPNAGQMQPVKAFKIHNKIWVIPERDTFTNPEEGDLNPPPEAKQVPVSYYDSTYLST
DNEKDNYLKGVTKLFERIYSTDLGRMLLTSIVRGIPFWGGSTIDTELKVIDTNCINVIQPDGSYRSEELNLVIIGPSADI
IQFECKSFGHEVLNLTRNGYGSTQYIRFSPDFTFGFEESLEVDTNPLLGAGKFATDPAVTLAHELIHAGHRLYGIAINPN
RVFKVNTNAYYEMSGLEVSFEELRTFGGHDAKFIDSLQENEFRLYYYNKFKDIASTLNKAKSIVGTTASLQYMKNVFKEK
YLLSEDTSGKFSVDKLKFDKLYKMLTEIYTEDNFVKFFKVLNRKTYLNFDKAVFKINIVPKVNYTIYDGFNLRNTNLAAN
FNGQNTEINNMNFTKLKNFTGLFELEHHHHHH
;
A
2 'polypeptide(L)' RRGI(NH2) B
#
loop_
_chem_comp.id
_chem_comp.type
_chem_comp.name
_chem_comp.formula
NH2 non-polymer 'AMINO GROUP' 'H2 N'
SO4 non-polymer 'SULFATE ION' 'O4 S -2'
ZN non-polymer 'ZINC ION' 'Zn 2'
#
# COMPACT_ATOMS: atom_id res chain seq x y z
N MET A 1 15.38 11.91 12.85
CA MET A 1 14.28 12.65 12.16
C MET A 1 13.76 11.88 10.95
N PRO A 2 14.66 11.29 10.14
CA PRO A 2 14.19 10.55 8.97
C PRO A 2 13.33 9.35 9.37
N PHE A 3 12.47 8.91 8.45
CA PHE A 3 11.59 7.78 8.73
C PHE A 3 12.42 6.50 8.81
N VAL A 4 13.43 6.39 7.96
CA VAL A 4 14.32 5.24 7.94
C VAL A 4 15.66 5.70 8.49
N ASN A 5 15.98 5.29 9.70
CA ASN A 5 17.22 5.70 10.36
C ASN A 5 18.52 5.22 9.72
N LYS A 6 18.49 4.06 9.08
CA LYS A 6 19.71 3.55 8.46
C LYS A 6 19.57 3.39 6.96
N GLN A 7 20.61 3.78 6.23
CA GLN A 7 20.62 3.67 4.78
C GLN A 7 21.20 2.30 4.42
N PHE A 8 20.33 1.29 4.46
CA PHE A 8 20.71 -0.09 4.16
C PHE A 8 21.30 -0.30 2.77
N ASN A 9 22.19 -1.29 2.69
CA ASN A 9 22.81 -1.71 1.45
C ASN A 9 22.38 -3.17 1.40
N TYR A 10 21.90 -3.62 0.25
CA TYR A 10 21.44 -5.00 0.14
C TYR A 10 22.46 -6.01 0.65
N LYS A 11 23.73 -5.74 0.41
CA LYS A 11 24.79 -6.65 0.83
C LYS A 11 25.24 -6.53 2.28
N ASP A 12 24.60 -5.68 3.06
CA ASP A 12 24.97 -5.55 4.47
C ASP A 12 24.75 -6.91 5.12
N PRO A 13 25.68 -7.34 5.98
CA PRO A 13 25.52 -8.64 6.65
C PRO A 13 24.28 -8.74 7.52
N VAL A 14 23.62 -9.90 7.50
CA VAL A 14 22.44 -10.11 8.32
C VAL A 14 22.81 -10.06 9.80
N ASN A 15 21.91 -9.55 10.62
CA ASN A 15 22.16 -9.47 12.05
C ASN A 15 21.05 -10.11 12.86
N GLY A 16 20.05 -10.66 12.16
CA GLY A 16 18.95 -11.31 12.84
C GLY A 16 17.98 -10.38 13.54
N VAL A 17 18.14 -9.07 13.31
CA VAL A 17 17.25 -8.09 13.93
C VAL A 17 16.55 -7.23 12.89
N ASP A 18 17.30 -6.33 12.23
CA ASP A 18 16.69 -5.50 11.20
C ASP A 18 17.21 -5.84 9.80
N ILE A 19 18.09 -6.82 9.73
CA ILE A 19 18.59 -7.34 8.45
C ILE A 19 18.60 -8.84 8.74
N ALA A 20 17.65 -9.57 8.14
CA ALA A 20 17.57 -10.99 8.41
C ALA A 20 16.88 -11.79 7.34
N TYR A 21 17.11 -13.10 7.36
CA TYR A 21 16.45 -14.01 6.44
C TYR A 21 15.15 -14.34 7.16
N ILE A 22 14.04 -14.25 6.43
CA ILE A 22 12.74 -14.50 7.02
C ILE A 22 11.85 -15.39 6.17
N LYS A 23 10.77 -15.85 6.77
CA LYS A 23 9.76 -16.66 6.10
C LYS A 23 8.41 -16.05 6.43
N ILE A 24 7.50 -16.04 5.46
CA ILE A 24 6.19 -15.47 5.70
C ILE A 24 5.15 -16.58 5.81
N PRO A 25 4.06 -16.32 6.56
CA PRO A 25 2.98 -17.30 6.77
C PRO A 25 2.07 -17.48 5.56
N ASN A 26 2.61 -18.04 4.49
CA ASN A 26 1.85 -18.27 3.27
C ASN A 26 1.19 -19.65 3.29
N ALA A 27 1.16 -20.28 4.46
CA ALA A 27 0.55 -21.60 4.61
C ALA A 27 1.23 -22.63 3.70
N GLY A 28 2.45 -22.33 3.28
CA GLY A 28 3.18 -23.23 2.41
C GLY A 28 4.65 -23.27 2.75
N GLN A 29 5.45 -23.85 1.86
CA GLN A 29 6.88 -23.95 2.08
C GLN A 29 7.64 -22.97 1.19
N MET A 30 8.73 -22.43 1.71
CA MET A 30 9.55 -21.47 0.97
C MET A 30 10.94 -21.38 1.57
N GLN A 31 11.92 -20.99 0.77
CA GLN A 31 13.28 -20.81 1.26
C GLN A 31 13.29 -19.41 1.88
N PRO A 32 14.07 -19.20 2.95
CA PRO A 32 14.11 -17.87 3.55
C PRO A 32 14.58 -16.80 2.58
N VAL A 33 14.05 -15.59 2.73
CA VAL A 33 14.44 -14.47 1.86
C VAL A 33 15.01 -13.37 2.73
N LYS A 34 16.02 -12.67 2.22
CA LYS A 34 16.65 -11.58 2.95
C LYS A 34 15.73 -10.37 3.00
N ALA A 35 15.45 -9.88 4.20
CA ALA A 35 14.56 -8.74 4.39
C ALA A 35 15.19 -7.69 5.28
N PHE A 36 14.66 -6.47 5.17
CA PHE A 36 15.15 -5.32 5.91
C PHE A 36 14.04 -4.60 6.66
N LYS A 37 14.23 -4.36 7.95
CA LYS A 37 13.25 -3.66 8.76
C LYS A 37 13.65 -2.19 8.71
N ILE A 38 12.91 -1.39 7.95
CA ILE A 38 13.22 0.03 7.79
C ILE A 38 12.60 0.95 8.85
N HIS A 39 11.62 0.46 9.59
CA HIS A 39 10.97 1.26 10.62
C HIS A 39 10.15 0.31 11.47
N ASN A 40 9.82 0.72 12.68
CA ASN A 40 9.01 -0.11 13.57
C ASN A 40 7.79 -0.61 12.80
N LYS A 41 7.59 -1.94 12.81
CA LYS A 41 6.45 -2.59 12.15
C LYS A 41 6.47 -2.59 10.61
N ILE A 42 7.55 -2.12 10.00
CA ILE A 42 7.60 -2.05 8.54
C ILE A 42 8.85 -2.70 7.95
N TRP A 43 8.64 -3.67 7.07
CA TRP A 43 9.74 -4.39 6.43
C TRP A 43 9.71 -4.28 4.92
N VAL A 44 10.87 -4.49 4.29
CA VAL A 44 10.99 -4.46 2.83
C VAL A 44 11.69 -5.74 2.39
N ILE A 45 11.08 -6.45 1.45
CA ILE A 45 11.64 -7.67 0.90
C ILE A 45 11.92 -7.40 -0.58
N PRO A 46 13.20 -7.18 -0.93
CA PRO A 46 13.56 -6.89 -2.32
C PRO A 46 13.55 -8.14 -3.21
N GLU A 47 12.40 -8.78 -3.31
CA GLU A 47 12.24 -9.98 -4.13
C GLU A 47 10.93 -9.88 -4.90
N ARG A 48 10.86 -10.57 -6.03
CA ARG A 48 9.63 -10.60 -6.80
C ARG A 48 8.69 -11.43 -5.92
N ASP A 49 7.42 -11.05 -5.84
CA ASP A 49 6.50 -11.78 -4.98
C ASP A 49 5.95 -13.08 -5.55
N THR A 50 6.60 -14.17 -5.17
CA THR A 50 6.19 -15.51 -5.58
C THR A 50 5.85 -16.25 -4.29
N PHE A 51 5.57 -15.48 -3.24
CA PHE A 51 5.28 -16.05 -1.92
C PHE A 51 3.87 -15.89 -1.34
N THR A 52 3.30 -14.69 -1.44
CA THR A 52 1.97 -14.48 -0.88
C THR A 52 0.90 -15.34 -1.55
N ASN A 53 1.14 -15.69 -2.81
CA ASN A 53 0.21 -16.52 -3.56
C ASN A 53 1.02 -17.61 -4.26
N PRO A 54 1.02 -18.83 -3.71
CA PRO A 54 1.75 -19.95 -4.30
C PRO A 54 1.35 -20.28 -5.73
N GLU A 55 0.17 -19.83 -6.13
CA GLU A 55 -0.31 -20.07 -7.48
C GLU A 55 0.12 -18.95 -8.43
N GLU A 56 1.07 -18.15 -7.96
CA GLU A 56 1.60 -17.04 -8.74
C GLU A 56 3.12 -17.02 -8.57
N GLY A 57 3.74 -18.19 -8.70
CA GLY A 57 5.17 -18.30 -8.55
C GLY A 57 5.92 -18.33 -9.87
N ASP A 58 5.18 -18.14 -10.97
CA ASP A 58 5.79 -18.15 -12.30
C ASP A 58 5.92 -16.73 -12.82
N LEU A 59 7.16 -16.28 -13.01
CA LEU A 59 7.42 -14.94 -13.51
C LEU A 59 7.53 -14.92 -15.03
N ASN A 60 7.68 -16.10 -15.63
CA ASN A 60 7.81 -16.23 -17.07
C ASN A 60 6.59 -15.72 -17.80
N PRO A 61 6.79 -14.92 -18.86
CA PRO A 61 5.72 -14.35 -19.67
C PRO A 61 5.12 -15.33 -20.67
N PRO A 62 3.79 -15.46 -20.69
CA PRO A 62 3.12 -16.38 -21.63
C PRO A 62 3.43 -15.96 -23.07
N PRO A 63 2.99 -16.75 -24.05
CA PRO A 63 3.25 -16.39 -25.45
C PRO A 63 2.68 -15.03 -25.83
N GLU A 64 3.23 -14.42 -26.87
CA GLU A 64 2.79 -13.11 -27.34
C GLU A 64 1.28 -13.06 -27.54
N ALA A 65 0.68 -14.21 -27.86
CA ALA A 65 -0.75 -14.30 -28.07
C ALA A 65 -1.45 -14.66 -26.76
N LYS A 66 -1.20 -13.85 -25.72
CA LYS A 66 -1.79 -14.07 -24.42
C LYS A 66 -1.72 -12.81 -23.55
N GLN A 67 -0.71 -11.99 -23.80
CA GLN A 67 -0.54 -10.75 -23.05
C GLN A 67 -1.66 -9.77 -23.36
N VAL A 68 -2.38 -9.33 -22.32
CA VAL A 68 -3.53 -8.44 -22.44
C VAL A 68 -3.11 -7.02 -22.81
N PRO A 69 -3.82 -6.05 -22.20
CA PRO A 69 -3.58 -4.63 -22.45
C PRO A 69 -2.56 -4.03 -21.48
N VAL A 70 -3.05 -3.58 -20.33
CA VAL A 70 -2.20 -2.97 -19.33
C VAL A 70 -1.47 -4.02 -18.49
N SER A 71 -0.29 -4.40 -18.94
CA SER A 71 0.54 -5.39 -18.26
C SER A 71 1.95 -5.35 -18.84
N TYR A 72 2.94 -5.74 -18.03
CA TYR A 72 4.32 -5.75 -18.48
C TYR A 72 5.06 -6.89 -17.78
N TYR A 73 5.69 -7.74 -18.58
CA TYR A 73 6.42 -8.88 -18.05
C TYR A 73 7.92 -8.83 -18.34
N ASP A 74 8.70 -9.26 -17.35
CA ASP A 74 10.15 -9.35 -17.45
C ASP A 74 10.60 -10.23 -16.30
N SER A 75 10.71 -11.52 -16.57
CA SER A 75 11.07 -12.49 -15.54
C SER A 75 12.43 -12.25 -14.89
N THR A 76 13.28 -11.44 -15.52
CA THR A 76 14.61 -11.17 -14.97
C THR A 76 14.68 -9.96 -14.04
N TYR A 77 13.65 -9.12 -14.05
CA TYR A 77 13.65 -7.94 -13.19
C TYR A 77 13.75 -8.30 -11.70
N LEU A 78 14.66 -7.62 -11.01
CA LEU A 78 14.88 -7.82 -9.59
C LEU A 78 15.43 -9.20 -9.25
N SER A 79 16.35 -9.69 -10.07
CA SER A 79 16.96 -10.99 -9.86
C SER A 79 18.42 -10.88 -9.43
N THR A 80 19.00 -9.68 -9.56
CA THR A 80 20.40 -9.49 -9.20
C THR A 80 20.56 -8.65 -7.93
N ASP A 81 21.73 -8.76 -7.30
CA ASP A 81 22.00 -7.99 -6.09
C ASP A 81 21.96 -6.50 -6.30
N ASN A 82 22.50 -6.03 -7.43
CA ASN A 82 22.50 -4.59 -7.69
C ASN A 82 21.07 -4.08 -7.82
N GLU A 83 20.21 -4.85 -8.46
CA GLU A 83 18.81 -4.45 -8.59
C GLU A 83 18.13 -4.42 -7.24
N LYS A 84 18.45 -5.38 -6.39
CA LYS A 84 17.82 -5.42 -5.07
C LYS A 84 18.31 -4.27 -4.21
N ASP A 85 19.57 -3.90 -4.38
CA ASP A 85 20.16 -2.79 -3.65
C ASP A 85 19.45 -1.49 -4.08
N ASN A 86 19.27 -1.33 -5.37
CA ASN A 86 18.62 -0.14 -5.91
C ASN A 86 17.15 -0.11 -5.52
N TYR A 87 16.53 -1.28 -5.44
CA TYR A 87 15.12 -1.39 -5.06
C TYR A 87 14.96 -0.91 -3.63
N LEU A 88 15.82 -1.41 -2.74
CA LEU A 88 15.78 -1.06 -1.33
C LEU A 88 15.96 0.44 -1.15
N LYS A 89 16.95 1.02 -1.82
CA LYS A 89 17.23 2.44 -1.74
C LYS A 89 16.08 3.27 -2.34
N GLY A 90 15.45 2.75 -3.40
CA GLY A 90 14.35 3.45 -4.03
C GLY A 90 13.12 3.49 -3.15
N VAL A 91 12.79 2.35 -2.55
CA VAL A 91 11.64 2.28 -1.66
C VAL A 91 11.86 3.17 -0.44
N THR A 92 13.06 3.13 0.13
CA THR A 92 13.35 3.97 1.29
C THR A 92 13.22 5.46 0.94
N LYS A 93 13.70 5.85 -0.23
CA LYS A 93 13.63 7.24 -0.66
C LYS A 93 12.18 7.70 -0.77
N LEU A 94 11.31 6.82 -1.27
CA LEU A 94 9.90 7.19 -1.41
C LEU A 94 9.25 7.31 -0.04
N PHE A 95 9.64 6.46 0.91
CA PHE A 95 9.07 6.58 2.25
C PHE A 95 9.48 7.92 2.84
N GLU A 96 10.72 8.34 2.60
CA GLU A 96 11.19 9.62 3.13
C GLU A 96 10.42 10.77 2.48
N ARG A 97 10.19 10.67 1.17
CA ARG A 97 9.47 11.72 0.44
C ARG A 97 8.07 11.84 1.01
N ILE A 98 7.42 10.69 1.24
CA ILE A 98 6.08 10.68 1.80
C ILE A 98 6.09 11.25 3.23
N TYR A 99 7.04 10.80 4.04
CA TYR A 99 7.14 11.24 5.42
C TYR A 99 7.47 12.72 5.57
N SER A 100 8.13 13.30 4.58
CA SER A 100 8.52 14.72 4.61
C SER A 100 7.33 15.67 4.51
N THR A 101 6.16 15.13 4.19
CA THR A 101 4.96 15.96 4.07
C THR A 101 4.11 15.73 5.32
N ASP A 102 3.35 16.74 5.73
CA ASP A 102 2.53 16.55 6.91
C ASP A 102 1.54 15.41 6.72
N LEU A 103 0.95 15.32 5.53
CA LEU A 103 -0.02 14.27 5.24
C LEU A 103 0.61 12.88 5.30
N GLY A 104 1.80 12.75 4.72
CA GLY A 104 2.50 11.46 4.73
C GLY A 104 2.91 11.08 6.14
N ARG A 105 3.30 12.06 6.94
CA ARG A 105 3.68 11.78 8.33
C ARG A 105 2.44 11.29 9.07
N MET A 106 1.30 11.90 8.80
CA MET A 106 0.06 11.51 9.45
C MET A 106 -0.31 10.09 9.02
N LEU A 107 -0.27 9.82 7.72
CA LEU A 107 -0.60 8.50 7.22
C LEU A 107 0.30 7.38 7.78
N LEU A 108 1.61 7.61 7.74
CA LEU A 108 2.56 6.61 8.23
C LEU A 108 2.41 6.40 9.73
N THR A 109 2.07 7.44 10.47
CA THR A 109 1.87 7.30 11.90
C THR A 109 0.64 6.41 12.13
N SER A 110 -0.43 6.66 11.37
CA SER A 110 -1.63 5.85 11.50
C SER A 110 -1.32 4.39 11.15
N ILE A 111 -0.48 4.18 10.14
CA ILE A 111 -0.15 2.83 9.74
C ILE A 111 0.63 2.09 10.83
N VAL A 112 1.62 2.75 11.43
CA VAL A 112 2.41 2.12 12.48
C VAL A 112 1.56 1.82 13.72
N ARG A 113 0.61 2.71 14.00
CA ARG A 113 -0.27 2.52 15.14
C ARG A 113 -1.34 1.46 14.84
N GLY A 114 -1.51 1.15 13.56
CA GLY A 114 -2.53 0.20 13.15
C GLY A 114 -2.23 -1.27 13.29
N ILE A 115 -1.71 -1.66 14.45
CA ILE A 115 -1.38 -3.05 14.70
C ILE A 115 -2.60 -3.97 14.51
N PRO A 116 -2.45 -5.04 13.72
CA PRO A 116 -3.56 -5.97 13.49
C PRO A 116 -4.09 -6.49 14.82
N PHE A 117 -5.40 -6.50 14.97
CA PHE A 117 -6.01 -6.94 16.21
C PHE A 117 -5.69 -8.38 16.61
N TRP A 118 -5.53 -8.58 17.92
CA TRP A 118 -5.25 -9.90 18.47
C TRP A 118 -6.57 -10.64 18.62
N GLY A 119 -7.07 -11.21 17.52
CA GLY A 119 -8.32 -11.92 17.57
C GLY A 119 -8.24 -13.36 17.11
N GLY A 120 -7.11 -14.01 17.36
CA GLY A 120 -6.94 -15.39 16.95
C GLY A 120 -7.28 -16.39 18.04
N SER A 121 -7.78 -15.89 19.16
CA SER A 121 -8.13 -16.74 20.28
C SER A 121 -9.48 -17.43 20.05
N THR A 122 -9.59 -18.66 20.56
CA THR A 122 -10.82 -19.43 20.42
C THR A 122 -11.70 -19.19 21.65
N ILE A 123 -11.09 -18.74 22.74
CA ILE A 123 -11.81 -18.45 23.97
C ILE A 123 -11.89 -16.94 24.15
N ASP A 124 -13.10 -16.44 24.42
CA ASP A 124 -13.31 -15.00 24.58
C ASP A 124 -12.74 -14.40 25.86
N THR A 125 -12.21 -15.24 26.74
CA THR A 125 -11.64 -14.74 27.99
C THR A 125 -10.15 -14.45 27.87
N GLU A 126 -9.60 -14.68 26.69
CA GLU A 126 -8.18 -14.43 26.46
C GLU A 126 -7.88 -13.88 25.07
N LEU A 127 -6.90 -12.99 25.00
CA LEU A 127 -6.51 -12.38 23.73
C LEU A 127 -5.28 -13.07 23.15
N LYS A 128 -5.33 -13.41 21.87
CA LYS A 128 -4.21 -14.07 21.22
C LYS A 128 -3.95 -13.47 19.84
N VAL A 129 -2.68 -13.37 19.51
CA VAL A 129 -2.27 -12.81 18.21
C VAL A 129 -2.62 -13.78 17.09
N ILE A 130 -2.82 -13.24 15.89
CA ILE A 130 -3.12 -14.07 14.72
C ILE A 130 -1.77 -14.25 14.02
N ASP A 131 -1.29 -15.49 13.98
CA ASP A 131 0.01 -15.79 13.40
C ASP A 131 0.29 -15.32 11.96
N THR A 132 -0.74 -15.14 11.15
CA THR A 132 -0.52 -14.69 9.79
C THR A 132 -0.22 -13.19 9.72
N ASN A 133 -0.22 -12.53 10.88
CA ASN A 133 0.11 -11.11 10.96
C ASN A 133 1.51 -11.02 11.52
N CYS A 134 2.28 -12.09 11.34
CA CYS A 134 3.67 -12.15 11.80
C CYS A 134 4.52 -12.75 10.72
N ILE A 135 5.84 -12.63 10.90
CA ILE A 135 6.80 -13.23 9.99
C ILE A 135 7.73 -13.97 10.92
N ASN A 136 8.45 -14.96 10.39
CA ASN A 136 9.39 -15.71 11.21
C ASN A 136 10.79 -15.27 10.83
N VAL A 137 11.48 -14.68 11.79
CA VAL A 137 12.82 -14.17 11.61
C VAL A 137 13.87 -15.14 12.09
N ILE A 138 14.86 -15.42 11.26
CA ILE A 138 15.94 -16.32 11.64
C ILE A 138 16.92 -15.54 12.51
N GLN A 139 17.07 -16.00 13.75
CA GLN A 139 17.95 -15.35 14.71
C GLN A 139 19.41 -15.77 14.49
N PRO A 140 20.36 -15.11 15.18
CA PRO A 140 21.77 -15.47 15.03
C PRO A 140 22.09 -16.94 15.30
N ASP A 141 21.30 -17.57 16.16
CA ASP A 141 21.53 -18.97 16.50
C ASP A 141 20.84 -19.93 15.55
N GLY A 142 20.22 -19.39 14.50
CA GLY A 142 19.55 -20.22 13.52
C GLY A 142 18.11 -20.55 13.83
N SER A 143 17.65 -20.17 15.02
CA SER A 143 16.27 -20.43 15.41
C SER A 143 15.35 -19.35 14.87
N TYR A 144 14.07 -19.68 14.77
CA TYR A 144 13.07 -18.74 14.27
C TYR A 144 12.33 -18.05 15.41
N ARG A 145 12.07 -16.76 15.26
CA ARG A 145 11.33 -16.01 16.26
C ARG A 145 10.21 -15.29 15.52
N SER A 146 9.01 -15.36 16.08
CA SER A 146 7.85 -14.73 15.48
C SER A 146 7.80 -13.24 15.79
N GLU A 147 7.72 -12.42 14.75
CA GLU A 147 7.66 -10.98 14.94
C GLU A 147 6.42 -10.41 14.26
N GLU A 148 5.64 -9.66 15.04
CA GLU A 148 4.44 -9.04 14.50
C GLU A 148 4.87 -7.85 13.66
N LEU A 149 4.14 -7.61 12.57
CA LEU A 149 4.44 -6.46 11.72
C LEU A 149 3.15 -6.00 11.06
N ASN A 150 3.15 -4.76 10.59
CA ASN A 150 1.97 -4.19 9.95
C ASN A 150 2.08 -4.10 8.44
N LEU A 151 3.30 -3.90 7.95
CA LEU A 151 3.48 -3.70 6.53
C LEU A 151 4.75 -4.27 5.95
N VAL A 152 4.64 -4.80 4.74
CA VAL A 152 5.76 -5.35 4.02
C VAL A 152 5.68 -4.82 2.60
N ILE A 153 6.78 -4.28 2.10
CA ILE A 153 6.82 -3.79 0.72
C ILE A 153 7.61 -4.89 0.03
N ILE A 154 7.03 -5.46 -1.02
CA ILE A 154 7.70 -6.54 -1.74
C ILE A 154 7.62 -6.29 -3.24
N GLY A 155 8.53 -6.89 -4.00
CA GLY A 155 8.52 -6.69 -5.43
C GLY A 155 7.27 -7.27 -6.08
N PRO A 156 6.95 -6.83 -7.30
CA PRO A 156 5.77 -7.32 -8.01
C PRO A 156 5.90 -8.80 -8.38
N SER A 157 4.75 -9.41 -8.68
CA SER A 157 4.72 -10.80 -9.10
C SER A 157 5.01 -10.81 -10.61
N ALA A 158 4.44 -11.77 -11.33
CA ALA A 158 4.68 -11.87 -12.77
C ALA A 158 4.45 -10.57 -13.53
N ASP A 159 3.26 -9.99 -13.39
CA ASP A 159 2.94 -8.73 -14.05
C ASP A 159 3.59 -7.64 -13.21
N ILE A 160 4.69 -7.10 -13.70
CA ILE A 160 5.44 -6.09 -12.98
C ILE A 160 4.66 -4.84 -12.58
N ILE A 161 3.73 -4.41 -13.43
CA ILE A 161 2.97 -3.21 -13.13
C ILE A 161 1.67 -3.40 -12.36
N GLN A 162 1.41 -4.62 -11.91
CA GLN A 162 0.22 -4.88 -11.13
C GLN A 162 0.51 -4.69 -9.66
N PHE A 163 0.54 -3.43 -9.23
CA PHE A 163 0.81 -3.11 -7.84
C PHE A 163 -0.49 -3.32 -7.08
N GLU A 164 -0.38 -3.78 -5.83
CA GLU A 164 -1.58 -4.02 -5.05
C GLU A 164 -1.25 -4.47 -3.64
N CYS A 165 -2.25 -4.35 -2.76
CA CYS A 165 -2.11 -4.79 -1.37
C CYS A 165 -2.60 -6.23 -1.27
N LYS A 166 -1.78 -7.08 -0.68
CA LYS A 166 -2.11 -8.48 -0.51
C LYS A 166 -1.98 -8.77 0.98
N SER A 167 -2.86 -9.62 1.50
CA SER A 167 -2.79 -9.97 2.91
C SER A 167 -3.38 -11.36 3.09
N PHE A 168 -2.93 -12.05 4.14
CA PHE A 168 -3.41 -13.38 4.41
C PHE A 168 -4.75 -13.33 5.09
N GLY A 169 -5.69 -14.13 4.58
CA GLY A 169 -7.02 -14.16 5.15
C GLY A 169 -7.14 -15.09 6.33
N HIS A 170 -8.34 -15.16 6.87
CA HIS A 170 -8.63 -16.02 8.02
C HIS A 170 -9.74 -16.97 7.59
N GLU A 171 -9.79 -18.14 8.22
CA GLU A 171 -10.79 -19.15 7.89
C GLU A 171 -12.23 -18.65 7.97
N VAL A 172 -12.51 -17.72 8.86
CA VAL A 172 -13.86 -17.20 9.02
C VAL A 172 -13.93 -15.68 8.94
N LEU A 173 -13.03 -15.03 9.67
CA LEU A 173 -12.97 -13.58 9.74
C LEU A 173 -12.48 -12.90 8.47
N ASN A 174 -13.13 -11.79 8.12
CA ASN A 174 -12.73 -10.99 6.97
C ASN A 174 -11.96 -9.86 7.63
N LEU A 175 -10.69 -10.13 7.91
CA LEU A 175 -9.81 -9.20 8.62
C LEU A 175 -9.70 -7.79 8.06
N THR A 176 -9.81 -7.62 6.74
CA THR A 176 -9.69 -6.28 6.19
C THR A 176 -11.02 -5.53 6.18
N ARG A 177 -12.09 -6.19 6.62
CA ARG A 177 -13.41 -5.55 6.65
C ARG A 177 -14.20 -5.76 7.94
N ASN A 178 -13.55 -6.26 8.99
CA ASN A 178 -14.24 -6.47 10.26
C ASN A 178 -13.61 -5.67 11.39
N GLY A 179 -12.86 -4.63 11.02
CA GLY A 179 -12.21 -3.79 12.00
C GLY A 179 -10.89 -4.31 12.56
N TYR A 180 -10.64 -5.60 12.38
CA TYR A 180 -9.42 -6.22 12.91
C TYR A 180 -8.12 -5.77 12.25
N GLY A 181 -8.08 -5.86 10.94
CA GLY A 181 -6.88 -5.48 10.22
C GLY A 181 -5.98 -6.70 10.09
N SER A 182 -5.06 -6.63 9.14
CA SER A 182 -4.13 -7.72 8.90
C SER A 182 -2.85 -7.15 8.28
N THR A 183 -1.74 -7.86 8.43
CA THR A 183 -0.48 -7.40 7.86
C THR A 183 -0.64 -7.26 6.36
N GLN A 184 -0.23 -6.09 5.84
CA GLN A 184 -0.34 -5.81 4.42
C GLN A 184 0.97 -5.97 3.66
N TYR A 185 0.90 -6.69 2.55
CA TYR A 185 2.04 -6.93 1.67
C TYR A 185 1.75 -6.13 0.41
N ILE A 186 2.54 -5.08 0.19
CA ILE A 186 2.31 -4.26 -0.99
C ILE A 186 3.25 -4.63 -2.12
N ARG A 187 2.69 -5.12 -3.22
CA ARG A 187 3.48 -5.45 -4.40
C ARG A 187 3.73 -4.08 -5.03
N PHE A 188 5.00 -3.71 -5.14
CA PHE A 188 5.34 -2.39 -5.64
C PHE A 188 6.76 -2.35 -6.16
N SER A 189 7.01 -1.44 -7.11
CA SER A 189 8.34 -1.25 -7.66
C SER A 189 8.62 0.24 -7.87
N PRO A 190 9.78 0.72 -7.40
CA PRO A 190 10.18 2.13 -7.55
C PRO A 190 10.97 2.30 -8.86
N ASP A 191 11.14 1.18 -9.57
CA ASP A 191 11.93 1.18 -10.80
C ASP A 191 11.19 1.41 -12.12
N PHE A 192 9.88 1.62 -12.02
CA PHE A 192 9.04 1.87 -13.18
C PHE A 192 8.00 2.90 -12.79
N THR A 193 7.45 3.58 -13.77
CA THR A 193 6.34 4.49 -13.50
C THR A 193 5.48 4.55 -14.74
N PHE A 194 4.40 5.29 -14.66
CA PHE A 194 3.43 5.33 -15.74
C PHE A 194 3.19 6.71 -16.34
N GLY A 195 2.88 6.72 -17.63
CA GLY A 195 2.64 7.98 -18.30
C GLY A 195 1.17 8.32 -18.41
N PHE A 196 0.84 9.58 -18.19
CA PHE A 196 -0.54 10.05 -18.29
C PHE A 196 -0.53 11.30 -19.15
N GLU A 197 -1.71 11.76 -19.52
CA GLU A 197 -1.84 12.94 -20.37
C GLU A 197 -2.38 14.16 -19.63
N GLU A 198 -1.80 15.31 -19.93
CA GLU A 198 -2.15 16.57 -19.30
C GLU A 198 -3.56 17.10 -19.59
N SER A 199 -4.13 16.71 -20.73
CA SER A 199 -5.48 17.14 -21.08
C SER A 199 -6.46 16.05 -20.65
N LEU A 200 -7.46 16.44 -19.86
CA LEU A 200 -8.45 15.47 -19.37
C LEU A 200 -9.14 14.69 -20.49
N GLU A 201 -9.50 15.38 -21.57
CA GLU A 201 -10.18 14.72 -22.69
C GLU A 201 -9.29 13.70 -23.37
N VAL A 202 -7.97 13.87 -23.23
CA VAL A 202 -7.04 12.94 -23.83
C VAL A 202 -6.74 11.80 -22.85
N ASP A 203 -6.50 12.15 -21.59
CA ASP A 203 -6.18 11.15 -20.58
C ASP A 203 -7.31 10.13 -20.37
N THR A 204 -8.56 10.58 -20.50
CA THR A 204 -9.69 9.68 -20.31
C THR A 204 -10.20 9.02 -21.60
N ASN A 205 -9.39 9.10 -22.65
CA ASN A 205 -9.74 8.50 -23.94
C ASN A 205 -8.70 7.41 -24.21
N PRO A 206 -9.17 6.18 -24.50
CA PRO A 206 -8.28 5.04 -24.76
C PRO A 206 -7.55 5.02 -26.09
N LEU A 207 -7.87 5.97 -26.97
CA LEU A 207 -7.25 6.03 -28.29
C LEU A 207 -6.26 7.16 -28.48
N LEU A 208 -6.13 8.03 -27.47
CA LEU A 208 -5.27 9.22 -27.58
C LEU A 208 -4.14 9.35 -26.57
N GLY A 209 -3.04 9.94 -27.03
CA GLY A 209 -1.91 10.19 -26.15
C GLY A 209 -0.91 9.07 -26.01
N ALA A 210 0.36 9.46 -25.85
CA ALA A 210 1.43 8.49 -25.71
C ALA A 210 1.98 8.44 -24.28
N GLY A 211 1.52 9.36 -23.44
CA GLY A 211 1.99 9.40 -22.05
C GLY A 211 3.10 10.41 -21.87
N LYS A 212 2.82 11.68 -22.17
CA LYS A 212 3.82 12.73 -22.06
C LYS A 212 4.36 12.95 -20.64
N PHE A 213 3.48 12.92 -19.65
CA PHE A 213 3.92 13.13 -18.28
C PHE A 213 4.02 11.83 -17.50
N ALA A 214 4.97 11.79 -16.57
CA ALA A 214 5.20 10.61 -15.76
C ALA A 214 4.66 10.79 -14.36
N THR A 215 3.98 9.76 -13.87
CA THR A 215 3.43 9.78 -12.53
C THR A 215 4.58 9.73 -11.54
N ASP A 216 4.53 10.53 -10.50
CA ASP A 216 5.60 10.51 -9.49
C ASP A 216 5.37 9.23 -8.68
N PRO A 217 6.37 8.33 -8.63
CA PRO A 217 6.25 7.07 -7.89
C PRO A 217 5.82 7.23 -6.43
N ALA A 218 6.08 8.39 -5.83
CA ALA A 218 5.69 8.62 -4.44
C ALA A 218 4.16 8.62 -4.32
N VAL A 219 3.50 9.13 -5.34
CA VAL A 219 2.04 9.15 -5.34
C VAL A 219 1.52 7.71 -5.45
N THR A 220 2.14 6.93 -6.34
CA THR A 220 1.74 5.55 -6.54
C THR A 220 1.89 4.74 -5.26
N LEU A 221 3.01 4.91 -4.56
CA LEU A 221 3.21 4.19 -3.31
C LEU A 221 2.21 4.69 -2.26
N ALA A 222 2.02 6.01 -2.20
CA ALA A 222 1.07 6.59 -1.25
C ALA A 222 -0.32 6.01 -1.46
N HIS A 223 -0.70 5.81 -2.73
CA HIS A 223 -2.00 5.25 -3.05
C HIS A 223 -2.12 3.86 -2.40
N GLU A 224 -1.08 3.05 -2.53
CA GLU A 224 -1.13 1.71 -1.94
C GLU A 224 -1.11 1.79 -0.42
N LEU A 225 -0.39 2.75 0.14
CA LEU A 225 -0.32 2.90 1.59
C LEU A 225 -1.70 3.30 2.13
N ILE A 226 -2.47 4.03 1.33
CA ILE A 226 -3.81 4.43 1.73
C ILE A 226 -4.69 3.17 1.80
N HIS A 227 -4.57 2.32 0.79
CA HIS A 227 -5.33 1.07 0.82
C HIS A 227 -4.89 0.29 2.06
N ALA A 228 -3.59 0.24 2.29
CA ALA A 228 -3.04 -0.48 3.45
C ALA A 228 -3.63 0.04 4.74
N GLY A 229 -3.75 1.36 4.85
CA GLY A 229 -4.34 1.96 6.03
C GLY A 229 -5.76 1.46 6.24
N HIS A 230 -6.56 1.44 5.17
CA HIS A 230 -7.93 0.97 5.27
C HIS A 230 -7.96 -0.47 5.76
N ARG A 231 -7.11 -1.29 5.15
CA ARG A 231 -7.05 -2.70 5.48
C ARG A 231 -6.51 -3.00 6.87
N LEU A 232 -5.56 -2.19 7.35
CA LEU A 232 -5.01 -2.40 8.69
C LEU A 232 -6.03 -2.04 9.78
N TYR A 233 -6.95 -1.14 9.46
CA TYR A 233 -7.98 -0.75 10.42
C TYR A 233 -9.26 -1.51 10.13
N GLY A 234 -9.16 -2.48 9.22
CA GLY A 234 -10.29 -3.32 8.86
C GLY A 234 -11.51 -2.60 8.34
N ILE A 235 -11.31 -1.51 7.61
CA ILE A 235 -12.44 -0.77 7.07
C ILE A 235 -12.43 -0.65 5.54
N ALA A 236 -11.75 -1.58 4.87
CA ALA A 236 -11.71 -1.57 3.41
C ALA A 236 -13.11 -1.89 2.92
N ILE A 237 -13.52 -1.29 1.79
CA ILE A 237 -14.84 -1.55 1.26
C ILE A 237 -14.80 -2.81 0.41
N ASN A 238 -15.75 -3.71 0.66
CA ASN A 238 -15.84 -4.96 -0.08
C ASN A 238 -15.72 -4.70 -1.57
N PRO A 239 -14.83 -5.45 -2.25
CA PRO A 239 -14.66 -5.28 -3.70
C PRO A 239 -15.91 -5.51 -4.55
N ASN A 240 -16.94 -6.12 -3.95
CA ASN A 240 -18.17 -6.36 -4.70
C ASN A 240 -19.03 -5.09 -4.75
N ARG A 241 -18.61 -4.08 -4.01
CA ARG A 241 -19.31 -2.80 -3.99
C ARG A 241 -18.60 -1.96 -5.05
N VAL A 242 -19.23 -1.83 -6.21
CA VAL A 242 -18.63 -1.10 -7.31
C VAL A 242 -19.51 -0.02 -7.93
N PHE A 243 -18.88 0.85 -8.71
CA PHE A 243 -19.56 1.93 -9.40
C PHE A 243 -19.67 1.54 -10.87
N LYS A 244 -20.90 1.39 -11.35
CA LYS A 244 -21.12 1.07 -12.75
C LYS A 244 -20.86 2.36 -13.51
N VAL A 245 -19.60 2.58 -13.87
CA VAL A 245 -19.19 3.80 -14.56
C VAL A 245 -20.13 4.23 -15.69
N ASN A 246 -20.71 5.42 -15.54
CA ASN A 246 -21.64 5.96 -16.52
C ASN A 246 -21.26 7.40 -16.86
N THR A 247 -20.00 7.74 -16.62
CA THR A 247 -19.49 9.08 -16.88
C THR A 247 -18.37 9.05 -17.93
N ASN A 248 -18.19 7.89 -18.55
CA ASN A 248 -17.17 7.70 -19.57
C ASN A 248 -17.68 6.68 -20.57
N ALA A 249 -18.02 7.14 -21.77
CA ALA A 249 -18.54 6.30 -22.82
C ALA A 249 -17.70 5.07 -23.13
N TYR A 250 -16.38 5.20 -23.02
CA TYR A 250 -15.49 4.08 -23.30
C TYR A 250 -15.56 3.04 -22.19
N TYR A 251 -15.73 3.48 -20.95
CA TYR A 251 -15.86 2.54 -19.83
C TYR A 251 -17.22 1.84 -20.02
N GLU A 252 -18.24 2.64 -20.30
CA GLU A 252 -19.60 2.14 -20.48
C GLU A 252 -19.77 1.11 -21.59
N MET A 253 -19.22 1.38 -22.76
CA MET A 253 -19.34 0.46 -23.88
C MET A 253 -18.68 -0.89 -23.60
N SER A 254 -18.04 -0.99 -22.44
CA SER A 254 -17.37 -2.23 -22.06
C SER A 254 -17.92 -2.70 -20.71
N GLY A 255 -18.91 -1.97 -20.21
CA GLY A 255 -19.52 -2.32 -18.93
C GLY A 255 -18.51 -2.38 -17.80
N LEU A 256 -17.45 -1.58 -17.91
CA LEU A 256 -16.41 -1.55 -16.89
C LEU A 256 -16.93 -1.00 -15.56
N GLU A 257 -16.53 -1.65 -14.48
CA GLU A 257 -16.95 -1.23 -13.15
C GLU A 257 -15.70 -0.95 -12.33
N VAL A 258 -15.80 -0.01 -11.39
CA VAL A 258 -14.68 0.35 -10.54
C VAL A 258 -15.14 0.29 -9.08
N SER A 259 -14.38 -0.42 -8.24
CA SER A 259 -14.75 -0.57 -6.83
C SER A 259 -14.80 0.74 -6.07
N PHE A 260 -15.70 0.82 -5.10
CA PHE A 260 -15.81 2.02 -4.28
C PHE A 260 -14.51 2.24 -3.51
N GLU A 261 -13.85 1.14 -3.15
CA GLU A 261 -12.59 1.22 -2.41
C GLU A 261 -11.56 2.02 -3.21
N GLU A 262 -11.56 1.87 -4.53
CA GLU A 262 -10.60 2.62 -5.36
C GLU A 262 -11.01 4.08 -5.47
N LEU A 263 -12.31 4.34 -5.66
CA LEU A 263 -12.79 5.71 -5.78
C LEU A 263 -12.52 6.47 -4.48
N ARG A 264 -12.75 5.80 -3.36
CA ARG A 264 -12.50 6.39 -2.05
C ARG A 264 -11.02 6.73 -1.89
N THR A 265 -10.17 5.81 -2.32
CA THR A 265 -8.73 5.97 -2.22
C THR A 265 -8.21 7.10 -3.08
N PHE A 266 -8.74 7.25 -4.28
CA PHE A 266 -8.28 8.36 -5.12
C PHE A 266 -8.77 9.67 -4.51
N GLY A 267 -10.03 9.69 -4.09
CA GLY A 267 -10.61 10.88 -3.47
C GLY A 267 -11.09 11.90 -4.46
N GLY A 268 -11.02 13.18 -4.08
CA GLY A 268 -11.48 14.24 -4.96
C GLY A 268 -12.89 14.01 -5.44
N HIS A 269 -13.16 14.35 -6.70
CA HIS A 269 -14.50 14.18 -7.24
C HIS A 269 -14.88 12.71 -7.41
N ASP A 270 -13.89 11.84 -7.52
CA ASP A 270 -14.15 10.41 -7.67
C ASP A 270 -14.92 9.85 -6.48
N ALA A 271 -14.57 10.32 -5.29
CA ALA A 271 -15.21 9.84 -4.07
C ALA A 271 -16.70 10.18 -4.01
N LYS A 272 -17.11 11.12 -4.85
CA LYS A 272 -18.51 11.55 -4.90
C LYS A 272 -19.42 10.54 -5.61
N PHE A 273 -18.84 9.58 -6.30
CA PHE A 273 -19.66 8.58 -6.99
C PHE A 273 -20.30 7.62 -6.00
N ILE A 274 -19.81 7.62 -4.77
CA ILE A 274 -20.38 6.79 -3.72
C ILE A 274 -21.43 7.68 -3.05
N ASP A 275 -22.71 7.42 -3.30
CA ASP A 275 -23.78 8.23 -2.74
C ASP A 275 -23.84 8.25 -1.21
N SER A 276 -24.49 9.28 -0.68
CA SER A 276 -24.63 9.47 0.77
C SER A 276 -25.20 8.26 1.50
N LEU A 277 -26.26 7.66 0.94
CA LEU A 277 -26.89 6.51 1.57
C LEU A 277 -25.94 5.33 1.75
N GLN A 278 -25.28 4.92 0.68
CA GLN A 278 -24.34 3.81 0.75
C GLN A 278 -23.14 4.16 1.64
N GLU A 279 -22.76 5.42 1.64
CA GLU A 279 -21.64 5.86 2.46
C GLU A 279 -22.00 5.72 3.93
N ASN A 280 -23.22 6.13 4.28
CA ASN A 280 -23.68 6.03 5.65
C ASN A 280 -23.79 4.58 6.07
N GLU A 281 -24.15 3.73 5.11
CA GLU A 281 -24.29 2.30 5.36
C GLU A 281 -22.94 1.74 5.83
N PHE A 282 -21.88 2.07 5.10
CA PHE A 282 -20.55 1.60 5.44
C PHE A 282 -20.09 2.13 6.79
N ARG A 283 -20.30 3.43 7.03
CA ARG A 283 -19.89 4.05 8.28
C ARG A 283 -20.51 3.32 9.47
N LEU A 284 -21.81 3.07 9.39
CA LEU A 284 -22.52 2.37 10.47
C LEU A 284 -21.96 0.95 10.62
N TYR A 285 -21.74 0.28 9.49
CA TYR A 285 -21.22 -1.08 9.49
C TYR A 285 -19.89 -1.18 10.24
N TYR A 286 -18.97 -0.29 9.91
CA TYR A 286 -17.66 -0.31 10.56
C TYR A 286 -17.72 0.20 11.99
N TYR A 287 -18.72 1.03 12.28
CA TYR A 287 -18.90 1.53 13.64
C TYR A 287 -19.22 0.31 14.50
N ASN A 288 -20.11 -0.55 13.99
CA ASN A 288 -20.51 -1.76 14.70
C ASN A 288 -19.33 -2.70 14.88
N LYS A 289 -18.44 -2.73 13.89
CA LYS A 289 -17.27 -3.61 13.99
C LYS A 289 -16.33 -3.13 15.10
N PHE A 290 -16.17 -1.82 15.22
CA PHE A 290 -15.32 -1.26 16.27
C PHE A 290 -15.94 -1.56 17.62
N LYS A 291 -17.28 -1.59 17.65
CA LYS A 291 -18.01 -1.88 18.88
C LYS A 291 -17.67 -3.28 19.35
N ASP A 292 -17.67 -4.23 18.41
CA ASP A 292 -17.36 -5.62 18.73
C ASP A 292 -15.94 -5.76 19.26
N ILE A 293 -15.02 -4.97 18.71
CA ILE A 293 -13.63 -5.02 19.16
C ILE A 293 -13.56 -4.52 20.60
N ALA A 294 -14.34 -3.48 20.90
CA ALA A 294 -14.37 -2.92 22.23
C ALA A 294 -14.90 -3.95 23.23
N SER A 295 -15.92 -4.68 22.81
CA SER A 295 -16.53 -5.69 23.67
C SER A 295 -15.61 -6.90 23.84
N THR A 296 -14.97 -7.31 22.76
CA THR A 296 -14.06 -8.45 22.82
C THR A 296 -12.93 -8.14 23.78
N LEU A 297 -12.51 -6.88 23.82
CA LEU A 297 -11.44 -6.45 24.72
C LEU A 297 -11.91 -6.51 26.17
N ASN A 298 -13.18 -6.22 26.39
CA ASN A 298 -13.74 -6.24 27.74
C ASN A 298 -13.88 -7.68 28.24
N LYS A 299 -14.20 -8.59 27.34
CA LYS A 299 -14.37 -10.00 27.70
C LYS A 299 -13.03 -10.68 28.03
N ALA A 300 -11.94 -10.09 27.55
CA ALA A 300 -10.61 -10.64 27.79
C ALA A 300 -10.23 -10.53 29.26
N LYS A 301 -9.57 -11.57 29.78
CA LYS A 301 -9.14 -11.58 31.17
C LYS A 301 -7.67 -12.00 31.29
N SER A 302 -7.17 -12.67 30.26
CA SER A 302 -5.79 -13.12 30.24
C SER A 302 -5.21 -12.98 28.83
N ILE A 303 -3.89 -13.00 28.73
CA ILE A 303 -3.22 -12.87 27.45
C ILE A 303 -2.42 -14.13 27.12
N VAL A 304 -2.32 -14.45 25.84
CA VAL A 304 -1.59 -15.63 25.41
C VAL A 304 -0.19 -15.23 24.95
N GLY A 305 0.83 -15.81 25.58
CA GLY A 305 2.19 -15.49 25.24
C GLY A 305 2.85 -14.65 26.32
N THR A 306 4.12 -14.32 26.13
CA THR A 306 4.86 -13.53 27.09
C THR A 306 5.53 -12.33 26.44
N THR A 307 5.19 -12.07 25.19
CA THR A 307 5.76 -10.94 24.45
C THR A 307 5.40 -9.62 25.10
N ALA A 308 4.18 -9.52 25.62
CA ALA A 308 3.71 -8.31 26.27
C ALA A 308 2.59 -8.63 27.25
N SER A 309 2.30 -7.69 28.14
CA SER A 309 1.23 -7.89 29.13
C SER A 309 -0.15 -7.61 28.54
N LEU A 310 -1.17 -8.17 29.16
CA LEU A 310 -2.54 -7.99 28.70
C LEU A 310 -2.94 -6.52 28.72
N GLN A 311 -2.55 -5.81 29.77
CA GLN A 311 -2.89 -4.40 29.90
C GLN A 311 -2.16 -3.59 28.83
N TYR A 312 -0.97 -4.02 28.45
CA TYR A 312 -0.20 -3.31 27.44
C TYR A 312 -0.92 -3.41 26.10
N MET A 313 -1.31 -4.63 25.73
CA MET A 313 -2.01 -4.83 24.46
C MET A 313 -3.38 -4.18 24.45
N LYS A 314 -4.03 -4.12 25.61
CA LYS A 314 -5.34 -3.48 25.68
C LYS A 314 -5.14 -2.00 25.39
N ASN A 315 -4.00 -1.47 25.82
CA ASN A 315 -3.68 -0.07 25.63
C ASN A 315 -3.32 0.24 24.18
N VAL A 316 -2.57 -0.65 23.52
CA VAL A 316 -2.19 -0.40 22.13
C VAL A 316 -3.42 -0.36 21.25
N PHE A 317 -4.43 -1.17 21.57
CA PHE A 317 -5.65 -1.18 20.78
C PHE A 317 -6.59 -0.06 21.19
N LYS A 318 -6.40 0.47 22.39
CA LYS A 318 -7.23 1.57 22.85
C LYS A 318 -6.77 2.77 22.02
N GLU A 319 -5.46 2.85 21.80
CA GLU A 319 -4.86 3.92 21.02
C GLU A 319 -5.12 3.76 19.52
N LYS A 320 -5.10 2.53 19.03
CA LYS A 320 -5.34 2.28 17.62
C LYS A 320 -6.75 2.72 17.21
N TYR A 321 -7.74 2.22 17.94
CA TYR A 321 -9.13 2.52 17.65
C TYR A 321 -9.68 3.74 18.40
N LEU A 322 -8.82 4.40 19.16
CA LEU A 322 -9.21 5.59 19.92
C LEU A 322 -10.48 5.32 20.74
N LEU A 323 -10.48 4.21 21.47
CA LEU A 323 -11.61 3.84 22.30
C LEU A 323 -11.64 4.65 23.59
N SER A 324 -12.79 4.62 24.26
CA SER A 324 -12.97 5.33 25.52
C SER A 324 -13.00 4.31 26.64
N GLU A 325 -12.48 4.69 27.80
CA GLU A 325 -12.45 3.80 28.96
C GLU A 325 -13.18 4.46 30.14
N ASP A 326 -14.31 3.88 30.54
CA ASP A 326 -15.08 4.43 31.64
C ASP A 326 -14.45 4.10 33.00
N THR A 327 -15.11 4.55 34.07
CA THR A 327 -14.62 4.33 35.42
C THR A 327 -14.37 2.85 35.72
N SER A 328 -15.27 1.99 35.27
CA SER A 328 -15.13 0.56 35.51
C SER A 328 -13.99 -0.04 34.69
N GLY A 329 -13.45 0.76 33.77
CA GLY A 329 -12.35 0.28 32.95
C GLY A 329 -12.80 -0.34 31.65
N LYS A 330 -14.11 -0.47 31.46
CA LYS A 330 -14.65 -1.05 30.24
C LYS A 330 -14.45 -0.12 29.04
N PHE A 331 -14.21 -0.71 27.88
CA PHE A 331 -14.01 0.05 26.66
C PHE A 331 -15.30 0.20 25.89
N SER A 332 -15.41 1.29 25.15
CA SER A 332 -16.58 1.58 24.34
C SER A 332 -16.14 2.49 23.19
N VAL A 333 -16.91 2.49 22.10
CA VAL A 333 -16.58 3.31 20.95
C VAL A 333 -17.38 4.61 21.03
N ASP A 334 -16.67 5.74 20.94
CA ASP A 334 -17.31 7.05 20.98
C ASP A 334 -17.59 7.46 19.55
N LYS A 335 -18.85 7.79 19.25
CA LYS A 335 -19.24 8.17 17.90
C LYS A 335 -18.39 9.28 17.31
N LEU A 336 -18.14 10.33 18.09
CA LEU A 336 -17.33 11.45 17.60
C LEU A 336 -15.93 11.01 17.22
N LYS A 337 -15.29 10.26 18.10
CA LYS A 337 -13.94 9.78 17.86
C LYS A 337 -13.91 8.80 16.69
N PHE A 338 -14.94 7.97 16.57
CA PHE A 338 -14.99 7.02 15.47
C PHE A 338 -15.09 7.76 14.15
N ASP A 339 -16.06 8.67 14.05
CA ASP A 339 -16.24 9.43 12.82
C ASP A 339 -14.97 10.17 12.42
N LYS A 340 -14.25 10.71 13.40
CA LYS A 340 -13.03 11.45 13.14
C LYS A 340 -11.92 10.55 12.60
N LEU A 341 -11.77 9.37 13.18
CA LEU A 341 -10.75 8.43 12.75
C LEU A 341 -11.11 7.84 11.39
N TYR A 342 -12.37 7.44 11.25
CA TYR A 342 -12.87 6.87 10.01
C TYR A 342 -12.66 7.90 8.88
N LYS A 343 -13.01 9.14 9.15
CA LYS A 343 -12.86 10.19 8.16
C LYS A 343 -11.39 10.44 7.82
N MET A 344 -10.53 10.43 8.83
CA MET A 344 -9.11 10.64 8.60
C MET A 344 -8.58 9.60 7.61
N LEU A 345 -8.87 8.34 7.90
CA LEU A 345 -8.42 7.22 7.09
C LEU A 345 -9.02 7.14 5.69
N THR A 346 -10.23 7.69 5.52
CA THR A 346 -10.91 7.58 4.24
C THR A 346 -11.01 8.86 3.39
N GLU A 347 -11.05 10.02 4.04
CA GLU A 347 -11.18 11.30 3.34
C GLU A 347 -9.93 12.17 3.36
N ILE A 348 -9.15 12.08 4.43
CA ILE A 348 -7.95 12.90 4.52
C ILE A 348 -6.81 12.22 3.76
N TYR A 349 -6.65 10.93 3.97
CA TYR A 349 -5.59 10.20 3.27
C TYR A 349 -6.13 9.73 1.92
N THR A 350 -5.92 10.54 0.88
CA THR A 350 -6.37 10.19 -0.46
C THR A 350 -5.27 10.54 -1.46
N GLU A 351 -5.30 9.90 -2.62
CA GLU A 351 -4.31 10.18 -3.65
C GLU A 351 -4.36 11.65 -4.03
N ASP A 352 -5.56 12.17 -4.23
CA ASP A 352 -5.73 13.56 -4.63
C ASP A 352 -5.09 14.52 -3.64
N ASN A 353 -5.23 14.23 -2.35
CA ASN A 353 -4.61 15.11 -1.36
C ASN A 353 -3.08 15.01 -1.39
N PHE A 354 -2.54 13.82 -1.64
CA PHE A 354 -1.08 13.71 -1.70
C PHE A 354 -0.53 14.51 -2.87
N VAL A 355 -1.26 14.55 -3.97
CA VAL A 355 -0.80 15.32 -5.13
C VAL A 355 -0.65 16.78 -4.71
N LYS A 356 -1.61 17.27 -3.92
CA LYS A 356 -1.55 18.65 -3.45
C LYS A 356 -0.30 18.91 -2.60
N PHE A 357 0.06 17.95 -1.76
CA PHE A 357 1.23 18.09 -0.91
C PHE A 357 2.55 17.96 -1.68
N PHE A 358 2.59 17.04 -2.65
CA PHE A 358 3.81 16.86 -3.43
C PHE A 358 3.97 17.91 -4.51
N LYS A 359 2.90 18.63 -4.82
CA LYS A 359 2.94 19.66 -5.85
C LYS A 359 3.42 19.06 -7.16
N VAL A 360 2.80 17.95 -7.57
CA VAL A 360 3.17 17.27 -8.81
C VAL A 360 1.95 17.21 -9.72
N LEU A 361 2.18 16.88 -10.98
CA LEU A 361 1.08 16.73 -11.93
C LEU A 361 0.70 15.25 -11.78
N ASN A 362 -0.58 14.94 -11.93
CA ASN A 362 -1.03 13.57 -11.73
C ASN A 362 -2.36 13.40 -12.44
N ARG A 363 -2.79 12.16 -12.62
CA ARG A 363 -4.09 11.94 -13.26
C ARG A 363 -5.10 12.70 -12.39
N LYS A 364 -6.11 13.28 -13.03
CA LYS A 364 -7.14 14.06 -12.32
C LYS A 364 -8.27 13.17 -11.82
N THR A 365 -8.30 11.94 -12.32
CA THR A 365 -9.33 11.00 -11.94
C THR A 365 -8.78 9.60 -12.11
N TYR A 366 -9.38 8.65 -11.39
CA TYR A 366 -9.00 7.25 -11.46
C TYR A 366 -9.61 6.65 -12.74
N LEU A 367 -10.70 7.28 -13.20
CA LEU A 367 -11.40 6.82 -14.38
C LEU A 367 -10.79 7.32 -15.69
N ASN A 368 -9.57 6.87 -15.96
CA ASN A 368 -8.86 7.25 -17.17
C ASN A 368 -8.32 6.00 -17.85
N PHE A 369 -7.39 6.20 -18.76
CA PHE A 369 -6.78 5.08 -19.48
C PHE A 369 -5.28 5.22 -19.48
N ASP A 370 -4.61 4.15 -19.03
CA ASP A 370 -3.16 4.19 -18.97
C ASP A 370 -2.58 4.45 -20.35
N LYS A 371 -1.42 5.11 -20.41
CA LYS A 371 -0.78 5.43 -21.69
C LYS A 371 0.50 4.65 -21.97
N ALA A 372 1.32 4.51 -20.93
CA ALA A 372 2.59 3.82 -21.11
C ALA A 372 3.29 3.51 -19.80
N VAL A 373 4.32 2.66 -19.88
CA VAL A 373 5.12 2.33 -18.72
C VAL A 373 6.56 2.68 -19.08
N PHE A 374 7.23 3.34 -18.14
CA PHE A 374 8.62 3.77 -18.30
C PHE A 374 9.54 3.15 -17.27
N LYS A 375 10.80 2.96 -17.65
CA LYS A 375 11.79 2.45 -16.71
C LYS A 375 12.40 3.75 -16.17
N ILE A 376 12.64 3.82 -14.87
CA ILE A 376 13.22 5.01 -14.25
C ILE A 376 14.26 4.59 -13.21
N ASN A 377 14.97 5.57 -12.68
CA ASN A 377 15.94 5.31 -11.62
C ASN A 377 15.95 6.52 -10.70
N ILE A 378 15.21 6.43 -9.60
CA ILE A 378 15.11 7.54 -8.68
C ILE A 378 16.19 7.58 -7.60
N VAL A 379 17.07 6.60 -7.59
CA VAL A 379 18.11 6.57 -6.56
C VAL A 379 19.12 7.71 -6.62
N PRO A 380 19.64 8.04 -7.82
CA PRO A 380 20.61 9.13 -7.92
C PRO A 380 19.94 10.48 -7.62
N LYS A 381 20.56 11.28 -6.74
CA LYS A 381 19.97 12.57 -6.40
C LYS A 381 19.88 13.51 -7.60
N VAL A 382 20.69 13.25 -8.63
CA VAL A 382 20.66 14.08 -9.82
C VAL A 382 19.42 13.78 -10.66
N ASN A 383 18.73 12.70 -10.29
CA ASN A 383 17.52 12.27 -10.99
C ASN A 383 16.23 12.55 -10.22
N TYR A 384 16.26 12.33 -8.91
CA TYR A 384 15.06 12.45 -8.11
C TYR A 384 15.45 12.70 -6.66
N THR A 385 14.72 13.56 -5.96
CA THR A 385 15.02 13.84 -4.57
C THR A 385 13.80 13.71 -3.69
N ILE A 386 14.07 13.52 -2.40
CA ILE A 386 13.02 13.40 -1.41
C ILE A 386 12.12 14.64 -1.42
N TYR A 387 12.75 15.80 -1.59
CA TYR A 387 12.05 17.08 -1.55
C TYR A 387 11.31 17.52 -2.81
N ASP A 388 11.85 17.23 -3.98
CA ASP A 388 11.21 17.65 -5.24
C ASP A 388 10.83 16.56 -6.22
N GLY A 389 11.09 15.30 -5.87
CA GLY A 389 10.77 14.25 -6.81
C GLY A 389 11.60 14.52 -8.06
N PHE A 390 10.98 14.46 -9.24
CA PHE A 390 11.70 14.72 -10.49
C PHE A 390 11.91 16.20 -10.81
N ASN A 391 11.08 17.06 -10.22
CA ASN A 391 11.13 18.50 -10.49
C ASN A 391 12.15 19.23 -9.63
N LEU A 392 13.42 18.93 -9.89
CA LEU A 392 14.54 19.49 -9.14
C LEU A 392 14.61 21.01 -9.10
N ARG A 393 14.61 21.54 -7.88
CA ARG A 393 14.68 22.98 -7.66
C ARG A 393 15.96 23.58 -8.25
N ASN A 394 15.87 24.83 -8.65
CA ASN A 394 17.01 25.57 -9.21
C ASN A 394 17.63 24.91 -10.44
N THR A 395 16.79 24.28 -11.26
CA THR A 395 17.23 23.65 -12.50
C THR A 395 16.12 23.90 -13.50
N ASN A 396 16.33 23.51 -14.76
CA ASN A 396 15.32 23.71 -15.78
C ASN A 396 14.11 22.80 -15.55
N LEU A 397 14.24 21.88 -14.60
CA LEU A 397 13.15 20.95 -14.30
C LEU A 397 12.28 21.39 -13.12
N ALA A 398 12.65 22.50 -12.48
CA ALA A 398 11.89 22.98 -11.33
C ALA A 398 10.48 23.46 -11.60
N ALA A 399 10.28 24.16 -12.71
CA ALA A 399 8.96 24.70 -13.03
C ALA A 399 8.13 23.92 -14.03
N ASN A 400 6.83 24.16 -13.97
CA ASN A 400 5.86 23.56 -14.87
C ASN A 400 5.92 22.04 -14.93
N PHE A 401 6.33 21.42 -13.83
CA PHE A 401 6.43 19.96 -13.75
C PHE A 401 7.35 19.44 -14.86
N ASN A 402 8.33 20.24 -15.25
CA ASN A 402 9.27 19.86 -16.31
C ASN A 402 9.98 18.53 -16.02
N GLY A 403 10.21 18.23 -14.75
CA GLY A 403 10.87 16.99 -14.39
C GLY A 403 10.02 15.77 -14.71
N GLN A 404 8.70 15.94 -14.67
CA GLN A 404 7.79 14.84 -14.97
C GLN A 404 7.47 14.79 -16.45
N ASN A 405 7.90 15.82 -17.18
CA ASN A 405 7.67 15.92 -18.62
C ASN A 405 8.70 14.98 -19.24
N THR A 406 8.26 13.83 -19.74
CA THR A 406 9.18 12.85 -20.31
C THR A 406 9.86 13.30 -21.59
N GLU A 407 9.32 14.33 -22.21
CA GLU A 407 9.89 14.83 -23.44
C GLU A 407 11.03 15.79 -23.13
N ILE A 408 10.85 16.60 -22.08
CA ILE A 408 11.88 17.55 -21.68
C ILE A 408 12.97 16.83 -20.87
N ASN A 409 12.54 16.03 -19.90
CA ASN A 409 13.45 15.28 -19.03
C ASN A 409 13.54 13.84 -19.55
N ASN A 410 13.78 13.72 -20.85
CA ASN A 410 13.86 12.42 -21.51
C ASN A 410 14.95 11.48 -21.01
N MET A 411 16.01 12.03 -20.45
CA MET A 411 17.11 11.20 -19.94
C MET A 411 16.72 10.37 -18.71
N ASN A 412 15.59 10.69 -18.10
CA ASN A 412 15.12 9.99 -16.91
C ASN A 412 14.04 8.95 -17.16
N PHE A 413 13.65 8.77 -18.41
CA PHE A 413 12.61 7.82 -18.75
C PHE A 413 12.90 7.02 -20.02
N THR A 414 12.64 5.73 -19.96
CA THR A 414 12.81 4.85 -21.11
C THR A 414 11.45 4.17 -21.29
N LYS A 415 10.74 4.51 -22.35
CA LYS A 415 9.44 3.89 -22.57
C LYS A 415 9.58 2.43 -22.95
N LEU A 416 8.97 1.56 -22.16
CA LEU A 416 9.06 0.13 -22.40
C LEU A 416 7.88 -0.41 -23.19
N LYS A 417 6.72 0.21 -23.00
CA LYS A 417 5.53 -0.24 -23.69
C LYS A 417 4.46 0.83 -23.76
N ASN A 418 3.76 0.88 -24.88
CA ASN A 418 2.71 1.85 -25.08
C ASN A 418 1.40 1.11 -24.90
N PHE A 419 0.45 1.70 -24.19
CA PHE A 419 -0.82 1.04 -23.94
C PHE A 419 -1.96 1.60 -24.81
N THR A 420 -1.82 2.84 -25.26
CA THR A 420 -2.86 3.45 -26.07
C THR A 420 -3.20 2.66 -27.33
N GLY A 421 -4.51 2.46 -27.54
CA GLY A 421 -4.98 1.73 -28.70
C GLY A 421 -5.07 0.24 -28.47
N LEU A 422 -4.57 -0.23 -27.33
CA LEU A 422 -4.58 -1.65 -27.02
C LEU A 422 -5.76 -2.08 -26.15
N PHE A 423 -6.62 -1.13 -25.79
CA PHE A 423 -7.78 -1.45 -24.97
C PHE A 423 -8.92 -2.04 -25.79
N ARG B 1 -4.63 -0.54 -5.99
CA ARG B 1 -4.39 -0.92 -7.39
C ARG B 1 -4.51 0.30 -8.30
N ARG B 2 -3.67 0.35 -9.32
CA ARG B 2 -3.68 1.47 -10.26
C ARG B 2 -4.91 1.53 -11.16
N GLY B 3 -5.46 0.37 -11.48
CA GLY B 3 -6.62 0.33 -12.37
C GLY B 3 -6.19 0.43 -13.82
N ILE B 4 -7.15 0.59 -14.72
CA ILE B 4 -6.83 0.66 -16.15
C ILE B 4 -6.59 2.09 -16.62
N NH2 B 5 -6.95 3.04 -15.89
ZN ZN C . -5.89 1.16 -5.86
S SO4 D . -7.22 15.97 17.59
O1 SO4 D . -7.62 14.81 18.41
O2 SO4 D . -6.79 17.07 18.47
O3 SO4 D . -6.11 15.60 16.70
O4 SO4 D . -8.38 16.41 16.77
S SO4 E . -9.70 -10.48 4.05
O1 SO4 E . -8.97 -10.95 5.25
O2 SO4 E . -8.77 -9.72 3.18
O3 SO4 E . -10.22 -11.65 3.31
O4 SO4 E . -10.83 -9.60 4.46
S SO4 F . -9.34 -7.43 -2.06
O1 SO4 F . -9.52 -7.74 -0.63
O2 SO4 F . -7.90 -7.40 -2.38
O3 SO4 F . -10.00 -8.48 -2.87
O4 SO4 F . -9.93 -6.11 -2.36
#